data_4B9P
#
_entry.id   4B9P
#
_cell.length_a   31.736
_cell.length_b   62.289
_cell.length_c   79.274
_cell.angle_alpha   90.00
_cell.angle_beta   90.00
_cell.angle_gamma   90.00
#
_symmetry.space_group_name_H-M   'P 21 21 21'
#
loop_
_entity.id
_entity.type
_entity.pdbx_description
1 polymer 'TYPE 3A CELLULOSE-BINDING DOMAIN PROTEIN'
2 non-polymer 'CALCIUM ION'
3 non-polymer 'ZINC ION'
4 water water
#
_entity_poly.entity_id   1
_entity_poly.type   'polypeptide(L)'
_entity_poly.pdbx_seq_one_letter_code
;TDLLTKIELQAYNHIRTSETKELQPRIKLINTGNTPITLSEVKIRYYYTKDQVINEIYTCDWSNITSSKITGTVVQMSNP
KPNADSYVEIGFTNSAGVLNPGEYVEIISRIGNSYALSLATPPYSEWNYMYDQNSDYSFNNSSSDFVVWDKITVYISGTL
YWGIEP
;
_entity_poly.pdbx_strand_id   A
#
# COMPACT_ATOMS: atom_id res chain seq x y z
N THR A 1 9.51 -0.86 28.84
CA THR A 1 8.79 0.19 29.57
C THR A 1 7.29 -0.07 29.55
N ASP A 2 6.55 0.88 30.12
CA ASP A 2 5.14 0.67 30.41
C ASP A 2 4.23 1.53 29.55
N LEU A 3 4.78 2.07 28.46
CA LEU A 3 3.93 2.66 27.44
C LEU A 3 4.20 1.91 26.15
N LEU A 4 3.19 1.17 25.72
CA LEU A 4 3.30 0.30 24.57
C LEU A 4 3.11 1.05 23.22
N THR A 5 4.00 0.79 22.26
CA THR A 5 3.76 1.23 20.88
C THR A 5 3.07 0.11 20.15
N LYS A 6 1.89 0.39 19.59
CA LYS A 6 1.12 -0.67 18.95
C LYS A 6 0.26 -0.06 17.88
N ILE A 7 0.12 -0.78 16.76
CA ILE A 7 -0.73 -0.36 15.67
C ILE A 7 -1.61 -1.52 15.20
N GLU A 8 -2.66 -1.17 14.46
CA GLU A 8 -3.46 -2.13 13.75
C GLU A 8 -3.55 -1.63 12.32
N LEU A 9 -3.48 -2.53 11.33
CA LEU A 9 -3.58 -2.15 9.95
C LEU A 9 -4.79 -2.85 9.37
N GLN A 10 -5.73 -2.06 8.84
CA GLN A 10 -6.89 -2.59 8.13
C GLN A 10 -6.76 -2.25 6.65
N ALA A 11 -7.28 -3.09 5.78
CA ALA A 11 -7.15 -2.82 4.34
C ALA A 11 -8.21 -3.58 3.57
N TYR A 12 -8.43 -3.18 2.33
CA TYR A 12 -9.11 -4.01 1.37
C TYR A 12 -8.73 -3.52 -0.02
N ASN A 13 -9.05 -4.34 -1.02
CA ASN A 13 -8.89 -3.94 -2.42
C ASN A 13 -10.22 -3.49 -2.97
N HIS A 14 -10.23 -2.27 -3.50
CA HIS A 14 -11.46 -1.70 -4.01
C HIS A 14 -11.84 -2.25 -5.38
N ILE A 15 -10.85 -2.77 -6.09
CA ILE A 15 -11.07 -3.53 -7.32
C ILE A 15 -10.52 -4.92 -7.08
N ARG A 16 -11.39 -5.93 -7.24
CA ARG A 16 -10.99 -7.30 -6.92
C ARG A 16 -11.02 -8.25 -8.09
N THR A 17 -11.19 -7.73 -9.30
CA THR A 17 -11.15 -8.54 -10.48
C THR A 17 -9.77 -9.15 -10.66
N SER A 18 -9.73 -10.34 -11.26
N SER A 18 -9.72 -10.35 -11.22
CA SER A 18 -8.48 -11.07 -11.43
CA SER A 18 -8.43 -11.03 -11.39
C SER A 18 -7.43 -10.30 -12.26
C SER A 18 -7.43 -10.19 -12.18
N GLU A 19 -7.90 -9.55 -13.25
CA GLU A 19 -7.06 -8.62 -14.02
C GLU A 19 -7.56 -7.22 -13.75
N THR A 20 -6.64 -6.28 -13.61
CA THR A 20 -7.04 -4.90 -13.42
C THR A 20 -6.04 -3.98 -14.13
N LYS A 21 -6.48 -2.79 -14.55
CA LYS A 21 -5.51 -1.81 -15.05
C LYS A 21 -5.10 -0.83 -13.96
N GLU A 22 -5.59 -1.04 -12.72
CA GLU A 22 -5.08 -0.29 -11.59
C GLU A 22 -5.23 -1.06 -10.32
N LEU A 23 -4.17 -1.10 -9.53
CA LEU A 23 -4.27 -1.62 -8.16
C LEU A 23 -4.93 -0.56 -7.32
N GLN A 24 -5.92 -0.96 -6.51
CA GLN A 24 -6.63 -0.02 -5.65
C GLN A 24 -6.67 -0.51 -4.21
N PRO A 25 -5.49 -0.60 -3.56
CA PRO A 25 -5.48 -0.89 -2.12
C PRO A 25 -5.96 0.32 -1.32
N ARG A 26 -6.83 0.06 -0.35
CA ARG A 26 -7.27 1.08 0.59
C ARG A 26 -6.81 0.65 1.96
N ILE A 27 -6.21 1.57 2.72
CA ILE A 27 -5.52 1.21 3.95
C ILE A 27 -5.93 2.15 5.06
N LYS A 28 -6.07 1.60 6.26
CA LYS A 28 -6.35 2.38 7.46
C LYS A 28 -5.34 1.95 8.52
N LEU A 29 -4.50 2.88 8.93
CA LEU A 29 -3.50 2.63 9.95
C LEU A 29 -3.98 3.23 11.25
N ILE A 30 -4.09 2.41 12.27
CA ILE A 30 -4.67 2.84 13.54
C ILE A 30 -3.66 2.71 14.65
N ASN A 31 -3.53 3.76 15.47
CA ASN A 31 -2.67 3.69 16.62
C ASN A 31 -3.49 3.09 17.78
N THR A 32 -3.16 1.86 18.14
CA THR A 32 -3.92 1.17 19.18
C THR A 32 -3.14 1.09 20.50
N GLY A 33 -1.90 1.57 20.52
CA GLY A 33 -1.06 1.60 21.70
C GLY A 33 -1.30 2.82 22.55
N ASN A 34 -0.35 3.18 23.39
N ASN A 34 -0.31 3.15 23.37
CA ASN A 34 -0.53 4.42 24.15
CA ASN A 34 -0.43 4.29 24.26
C ASN A 34 0.65 5.38 23.98
C ASN A 34 0.74 5.26 24.06
N THR A 35 1.42 5.20 22.91
CA THR A 35 2.49 6.14 22.58
C THR A 35 2.14 6.85 21.27
N PRO A 36 2.46 8.14 21.16
CA PRO A 36 2.30 8.86 19.87
C PRO A 36 3.32 8.31 18.89
N ILE A 37 2.95 8.31 17.61
CA ILE A 37 3.83 7.83 16.56
C ILE A 37 4.07 8.97 15.57
N THR A 38 5.32 9.28 15.30
CA THR A 38 5.64 10.30 14.31
C THR A 38 5.42 9.71 12.90
N LEU A 39 4.49 10.29 12.12
CA LEU A 39 4.10 9.66 10.87
C LEU A 39 5.25 9.58 9.87
N SER A 40 6.13 10.57 9.83
CA SER A 40 7.23 10.53 8.88
C SER A 40 8.13 9.29 9.08
N GLU A 41 8.11 8.71 10.27
CA GLU A 41 8.87 7.47 10.56
C GLU A 41 8.18 6.18 10.12
N VAL A 42 6.99 6.28 9.60
CA VAL A 42 6.18 5.09 9.29
C VAL A 42 6.23 4.80 7.79
N LYS A 43 6.45 3.54 7.44
CA LYS A 43 6.37 3.08 6.04
C LYS A 43 5.42 1.90 6.01
N ILE A 44 4.61 1.85 4.96
CA ILE A 44 3.63 0.78 4.77
C ILE A 44 3.91 0.14 3.43
N ARG A 45 3.95 -1.19 3.35
CA ARG A 45 4.28 -1.85 2.07
C ARG A 45 3.18 -2.78 1.63
N TYR A 46 2.77 -2.60 0.37
CA TYR A 46 1.82 -3.46 -0.32
C TYR A 46 2.63 -4.23 -1.37
N TYR A 47 2.74 -5.54 -1.20
CA TYR A 47 3.60 -6.38 -2.05
C TYR A 47 2.82 -7.01 -3.20
N TYR A 48 3.43 -7.06 -4.37
CA TYR A 48 2.71 -7.57 -5.54
C TYR A 48 3.75 -8.01 -6.58
N THR A 49 3.25 -8.62 -7.64
CA THR A 49 4.08 -8.89 -8.84
C THR A 49 3.65 -7.96 -9.96
N LYS A 50 4.61 -7.18 -10.47
CA LYS A 50 4.30 -6.16 -11.52
C LYS A 50 3.93 -6.78 -12.85
N ASP A 51 4.18 -8.08 -13.03
CA ASP A 51 3.82 -8.76 -14.26
C ASP A 51 4.51 -8.05 -15.41
N GLN A 52 3.82 -7.71 -16.51
CA GLN A 52 4.47 -6.98 -17.60
C GLN A 52 4.09 -5.50 -17.65
N VAL A 53 3.52 -4.97 -16.57
CA VAL A 53 3.09 -3.60 -16.58
C VAL A 53 4.28 -2.66 -16.50
N ILE A 54 4.23 -1.57 -17.28
CA ILE A 54 5.30 -0.57 -17.34
C ILE A 54 4.73 0.82 -16.99
N ASN A 55 5.61 1.82 -16.87
CA ASN A 55 5.20 3.20 -16.50
C ASN A 55 4.49 3.23 -15.16
N GLU A 56 4.86 2.35 -14.23
CA GLU A 56 4.07 2.26 -13.00
C GLU A 56 4.25 3.51 -12.15
N ILE A 57 3.15 4.13 -11.74
CA ILE A 57 3.17 5.29 -10.86
C ILE A 57 2.20 5.06 -9.72
N TYR A 58 2.41 5.82 -8.66
CA TYR A 58 1.54 5.82 -7.50
C TYR A 58 0.81 7.16 -7.45
N THR A 59 -0.48 7.12 -7.10
CA THR A 59 -1.14 8.33 -6.74
C THR A 59 -2.03 8.10 -5.50
N CYS A 60 -2.11 9.11 -4.62
CA CYS A 60 -3.05 9.09 -3.51
C CYS A 60 -4.23 9.94 -3.89
N ASP A 61 -5.37 9.27 -4.07
CA ASP A 61 -6.59 9.96 -4.44
C ASP A 61 -7.18 10.73 -3.27
N TRP A 62 -6.99 10.24 -2.05
CA TRP A 62 -7.58 10.87 -0.89
C TRP A 62 -6.98 10.31 0.36
N SER A 63 -6.86 11.15 1.38
CA SER A 63 -6.56 10.67 2.74
C SER A 63 -7.32 11.56 3.69
N ASN A 64 -7.67 11.05 4.87
CA ASN A 64 -8.28 11.90 5.89
C ASN A 64 -7.33 12.98 6.41
N ILE A 65 -6.01 12.86 6.15
CA ILE A 65 -5.07 13.95 6.49
C ILE A 65 -4.67 14.78 5.29
N THR A 66 -5.34 14.49 4.17
CA THR A 66 -5.12 15.07 2.82
C THR A 66 -3.91 14.47 2.12
N SER A 67 -4.04 14.35 0.80
CA SER A 67 -3.05 13.62 0.03
C SER A 67 -1.67 14.28 0.01
N SER A 68 -1.61 15.58 0.27
CA SER A 68 -0.32 16.25 0.26
C SER A 68 0.57 15.83 1.39
N LYS A 69 0.04 15.14 2.39
CA LYS A 69 0.85 14.61 3.50
C LYS A 69 1.32 13.17 3.29
N ILE A 70 0.88 12.56 2.17
CA ILE A 70 1.16 11.17 1.86
C ILE A 70 2.22 11.10 0.78
N THR A 71 3.13 10.14 0.91
CA THR A 71 4.08 9.83 -0.16
C THR A 71 3.85 8.38 -0.62
N GLY A 72 4.13 8.08 -1.88
CA GLY A 72 4.08 6.71 -2.32
C GLY A 72 5.13 6.51 -3.38
N THR A 73 5.76 5.35 -3.36
N THR A 73 5.83 5.39 -3.34
CA THR A 73 6.80 5.02 -4.31
CA THR A 73 6.81 5.05 -4.37
C THR A 73 6.58 3.59 -4.75
C THR A 73 6.76 3.58 -4.73
N VAL A 74 6.83 3.31 -6.02
CA VAL A 74 6.83 1.95 -6.51
C VAL A 74 8.27 1.45 -6.47
N VAL A 75 8.50 0.32 -5.81
CA VAL A 75 9.84 -0.20 -5.64
C VAL A 75 9.93 -1.59 -6.24
N GLN A 76 10.95 -1.79 -7.06
N GLN A 76 10.93 -1.82 -7.09
CA GLN A 76 11.28 -3.12 -7.54
CA GLN A 76 11.18 -3.17 -7.57
C GLN A 76 12.14 -3.84 -6.48
C GLN A 76 12.18 -3.87 -6.66
N MET A 77 11.82 -5.09 -6.21
N MET A 77 11.76 -4.97 -6.08
CA MET A 77 12.56 -5.86 -5.22
CA MET A 77 12.56 -5.74 -5.13
C MET A 77 13.82 -6.46 -5.78
C MET A 77 13.80 -6.33 -5.76
N SER A 78 14.95 -6.15 -5.15
N SER A 78 14.91 -6.24 -5.03
CA SER A 78 16.19 -6.78 -5.53
CA SER A 78 16.17 -6.79 -5.50
C SER A 78 16.16 -8.30 -5.28
C SER A 78 16.26 -8.26 -5.17
N ASN A 79 15.38 -8.72 -4.28
CA ASN A 79 15.35 -10.12 -3.89
C ASN A 79 13.90 -10.62 -3.91
N PRO A 80 13.37 -10.87 -5.12
CA PRO A 80 11.96 -11.21 -5.23
C PRO A 80 11.61 -12.53 -4.55
N LYS A 81 10.34 -12.66 -4.22
N LYS A 81 10.37 -12.63 -4.08
CA LYS A 81 9.79 -13.80 -3.53
CA LYS A 81 9.81 -13.84 -3.48
C LYS A 81 8.57 -14.24 -4.35
C LYS A 81 8.62 -14.26 -4.36
N PRO A 82 8.11 -15.49 -4.16
CA PRO A 82 6.84 -15.85 -4.82
C PRO A 82 5.75 -14.85 -4.48
N ASN A 83 5.10 -14.30 -5.51
CA ASN A 83 3.99 -13.35 -5.36
C ASN A 83 4.44 -11.97 -4.89
N ALA A 84 5.74 -11.74 -4.94
CA ALA A 84 6.23 -10.41 -4.54
C ALA A 84 7.54 -10.06 -5.23
N ASP A 85 7.47 -9.29 -6.30
CA ASP A 85 8.67 -8.76 -6.87
C ASP A 85 8.72 -7.26 -6.81
N SER A 86 7.69 -6.62 -6.25
CA SER A 86 7.61 -5.17 -6.18
C SER A 86 6.84 -4.84 -4.93
N TYR A 87 6.94 -3.60 -4.45
CA TYR A 87 5.99 -3.17 -3.45
C TYR A 87 5.73 -1.68 -3.66
N VAL A 88 4.52 -1.27 -3.29
CA VAL A 88 4.22 0.13 -3.13
C VAL A 88 4.59 0.49 -1.69
N GLU A 89 5.46 1.47 -1.53
CA GLU A 89 5.80 1.92 -0.18
C GLU A 89 5.12 3.26 0.04
N ILE A 90 4.21 3.30 1.01
CA ILE A 90 3.47 4.50 1.35
C ILE A 90 4.12 5.06 2.60
N GLY A 91 4.38 6.35 2.59
CA GLY A 91 4.97 7.02 3.73
C GLY A 91 4.28 8.34 3.92
N PHE A 92 4.91 9.18 4.76
CA PHE A 92 4.30 10.42 5.16
C PHE A 92 5.36 11.49 5.14
N THR A 93 4.96 12.73 4.87
CA THR A 93 5.94 13.80 4.80
C THR A 93 6.43 14.20 6.19
N ASN A 94 7.54 14.94 6.21
CA ASN A 94 8.17 15.33 7.45
C ASN A 94 7.19 16.15 8.29
N SER A 95 6.29 16.88 7.64
CA SER A 95 5.33 17.75 8.31
C SER A 95 3.93 17.09 8.47
N ALA A 96 3.83 15.78 8.28
CA ALA A 96 2.55 15.09 8.44
C ALA A 96 2.06 15.05 9.88
N GLY A 97 2.95 15.23 10.86
CA GLY A 97 2.57 15.32 12.25
C GLY A 97 2.63 13.97 12.95
N VAL A 98 1.86 13.89 14.03
CA VAL A 98 1.93 12.77 14.95
C VAL A 98 0.60 12.06 14.96
N LEU A 99 0.65 10.74 14.98
CA LEU A 99 -0.56 9.94 15.10
C LEU A 99 -0.67 9.55 16.57
N ASN A 100 -1.60 10.18 17.27
CA ASN A 100 -1.79 9.86 18.67
C ASN A 100 -2.56 8.60 18.89
N PRO A 101 -2.45 8.01 20.10
CA PRO A 101 -3.26 6.82 20.41
C PRO A 101 -4.76 7.08 20.16
N GLY A 102 -5.39 6.14 19.46
CA GLY A 102 -6.81 6.24 19.15
C GLY A 102 -7.07 6.90 17.80
N GLU A 103 -6.05 7.48 17.17
CA GLU A 103 -6.25 8.14 15.90
C GLU A 103 -5.87 7.20 14.77
N TYR A 104 -6.32 7.55 13.57
CA TYR A 104 -6.01 6.75 12.41
C TYR A 104 -5.75 7.59 11.19
N VAL A 105 -5.05 7.00 10.22
N VAL A 105 -5.10 6.99 10.20
CA VAL A 105 -4.94 7.57 8.89
CA VAL A 105 -4.93 7.61 8.90
C VAL A 105 -5.54 6.59 7.90
C VAL A 105 -5.39 6.66 7.79
N GLU A 106 -6.35 7.13 6.99
CA GLU A 106 -6.94 6.35 5.91
C GLU A 106 -6.35 6.87 4.59
N ILE A 107 -5.93 5.95 3.73
CA ILE A 107 -5.26 6.30 2.48
C ILE A 107 -5.91 5.52 1.36
N ILE A 108 -6.40 6.24 0.35
CA ILE A 108 -6.98 5.65 -0.85
C ILE A 108 -5.97 5.86 -1.97
N SER A 109 -5.49 4.77 -2.58
CA SER A 109 -4.43 4.83 -3.58
C SER A 109 -4.82 4.17 -4.86
N ARG A 110 -4.13 4.58 -5.92
CA ARG A 110 -4.21 3.92 -7.22
C ARG A 110 -2.79 3.74 -7.74
N ILE A 111 -2.50 2.58 -8.31
CA ILE A 111 -1.17 2.29 -8.83
C ILE A 111 -1.33 1.60 -10.18
N GLY A 112 -0.56 2.05 -11.16
CA GLY A 112 -0.58 1.39 -12.46
C GLY A 112 0.17 2.20 -13.49
N ASN A 113 0.11 1.71 -14.73
CA ASN A 113 0.73 2.39 -15.86
C ASN A 113 0.16 3.81 -15.93
N SER A 114 1.04 4.82 -15.99
CA SER A 114 0.60 6.22 -16.01
C SER A 114 -0.47 6.48 -17.07
N TYR A 115 -0.40 5.79 -18.20
CA TYR A 115 -1.36 6.00 -19.28
C TYR A 115 -2.73 5.38 -18.97
N ALA A 116 -2.76 4.37 -18.12
CA ALA A 116 -4.01 3.77 -17.69
C ALA A 116 -4.69 4.58 -16.61
N LEU A 117 -3.91 5.29 -15.81
CA LEU A 117 -4.49 5.96 -14.66
C LEU A 117 -5.19 7.27 -15.06
N SER A 118 -4.94 7.69 -16.30
CA SER A 118 -5.58 8.88 -16.81
C SER A 118 -6.99 8.64 -17.38
N LEU A 119 -7.41 7.37 -17.39
CA LEU A 119 -8.75 6.95 -17.88
C LEU A 119 -8.95 7.25 -19.35
N ALA A 120 -7.84 7.22 -20.06
CA ALA A 120 -7.86 7.28 -21.50
C ALA A 120 -7.29 5.95 -21.95
N THR A 121 -7.43 5.65 -23.23
CA THR A 121 -6.99 4.36 -23.74
C THR A 121 -5.44 4.34 -23.75
N PRO A 122 -4.80 3.39 -23.05
CA PRO A 122 -3.34 3.35 -23.11
C PRO A 122 -2.88 2.91 -24.51
N PRO A 123 -1.78 3.49 -25.02
CA PRO A 123 -1.33 3.15 -26.39
C PRO A 123 -0.42 1.92 -26.38
N TYR A 124 -0.90 0.85 -25.74
CA TYR A 124 -0.11 -0.33 -25.49
C TYR A 124 -0.90 -1.59 -25.71
N SER A 125 -0.18 -2.69 -25.98
CA SER A 125 -0.76 -4.03 -25.84
C SER A 125 -1.22 -4.22 -24.40
N GLU A 126 -2.22 -5.08 -24.22
CA GLU A 126 -2.88 -5.20 -22.93
C GLU A 126 -1.91 -5.50 -21.80
N TRP A 127 -0.96 -6.41 -22.03
CA TRP A 127 -0.05 -6.86 -20.97
C TRP A 127 0.82 -5.74 -20.41
N ASN A 128 0.96 -4.64 -21.14
CA ASN A 128 1.78 -3.56 -20.60
C ASN A 128 1.01 -2.64 -19.64
N TYR A 129 -0.30 -2.89 -19.43
CA TYR A 129 -1.05 -2.15 -18.42
C TYR A 129 -1.94 -3.03 -17.55
N MET A 130 -2.17 -4.28 -17.95
N MET A 130 -2.16 -4.30 -17.92
CA MET A 130 -3.08 -5.12 -17.17
CA MET A 130 -3.10 -5.14 -17.15
C MET A 130 -2.28 -5.96 -16.17
C MET A 130 -2.43 -6.08 -16.16
N TYR A 131 -2.55 -5.76 -14.88
CA TYR A 131 -2.03 -6.59 -13.81
C TYR A 131 -2.83 -7.84 -13.62
N ASP A 132 -2.17 -8.93 -13.15
CA ASP A 132 -2.85 -10.09 -12.59
C ASP A 132 -2.77 -9.97 -11.09
N GLN A 133 -3.92 -9.90 -10.39
CA GLN A 133 -3.88 -9.64 -8.94
C GLN A 133 -3.72 -10.88 -8.10
N ASN A 134 -4.14 -12.04 -8.56
CA ASN A 134 -4.06 -13.21 -7.67
C ASN A 134 -2.61 -13.63 -7.45
N SER A 135 -1.69 -13.12 -8.26
CA SER A 135 -0.25 -13.33 -8.10
C SER A 135 0.39 -12.30 -7.16
N ASP A 136 -0.44 -11.55 -6.43
CA ASP A 136 0.07 -10.46 -5.57
C ASP A 136 -0.10 -10.82 -4.11
N TYR A 137 1.02 -10.89 -3.39
CA TYR A 137 1.02 -11.29 -1.99
C TYR A 137 0.01 -10.54 -1.17
N SER A 138 -0.05 -9.23 -1.31
CA SER A 138 -0.91 -8.43 -0.44
C SER A 138 -2.38 -8.38 -0.84
N PHE A 139 -2.72 -8.92 -2.01
CA PHE A 139 -4.10 -8.83 -2.52
C PHE A 139 -5.11 -9.62 -1.70
N ASN A 140 -6.28 -9.01 -1.48
CA ASN A 140 -7.42 -9.65 -0.84
C ASN A 140 -8.55 -9.72 -1.86
N ASN A 141 -8.84 -10.92 -2.33
CA ASN A 141 -9.82 -11.08 -3.39
C ASN A 141 -11.27 -11.02 -2.96
N SER A 142 -11.55 -10.87 -1.66
N SER A 142 -11.53 -10.83 -1.67
CA SER A 142 -12.93 -11.04 -1.20
CA SER A 142 -12.89 -11.00 -1.19
C SER A 142 -13.54 -9.90 -0.38
C SER A 142 -13.48 -9.78 -0.51
N SER A 143 -12.74 -9.21 0.45
CA SER A 143 -13.34 -8.20 1.29
C SER A 143 -13.75 -6.96 0.53
N SER A 144 -14.95 -6.45 0.81
CA SER A 144 -15.47 -5.28 0.12
C SER A 144 -15.41 -4.03 1.00
N ASP A 145 -14.81 -4.18 2.18
CA ASP A 145 -14.57 -3.05 3.08
C ASP A 145 -13.41 -3.44 4.00
N PHE A 146 -12.93 -2.51 4.81
CA PHE A 146 -11.74 -2.72 5.64
C PHE A 146 -11.81 -3.98 6.51
N VAL A 147 -10.75 -4.76 6.51
CA VAL A 147 -10.56 -5.84 7.47
C VAL A 147 -9.14 -5.76 7.99
N VAL A 148 -8.93 -6.22 9.21
CA VAL A 148 -7.55 -6.37 9.69
C VAL A 148 -6.77 -7.28 8.74
N TRP A 149 -5.58 -6.86 8.30
CA TRP A 149 -4.93 -7.57 7.20
C TRP A 149 -3.44 -7.71 7.46
N ASP A 150 -3.01 -8.97 7.55
CA ASP A 150 -1.64 -9.29 7.95
C ASP A 150 -0.62 -9.28 6.80
N LYS A 151 -1.06 -9.13 5.53
CA LYS A 151 -0.14 -9.29 4.41
C LYS A 151 0.30 -7.96 3.82
N ILE A 152 0.01 -6.87 4.52
CA ILE A 152 0.60 -5.56 4.28
C ILE A 152 1.45 -5.26 5.51
N THR A 153 2.70 -4.84 5.30
CA THR A 153 3.57 -4.65 6.47
C THR A 153 3.71 -3.18 6.81
N VAL A 154 4.03 -2.90 8.07
CA VAL A 154 4.22 -1.52 8.55
C VAL A 154 5.47 -1.47 9.40
N TYR A 155 6.31 -0.48 9.11
CA TYR A 155 7.57 -0.27 9.83
C TYR A 155 7.55 1.10 10.50
N ILE A 156 8.08 1.19 11.72
CA ILE A 156 8.26 2.47 12.37
C ILE A 156 9.76 2.59 12.60
N SER A 157 10.36 3.64 12.04
CA SER A 157 11.80 3.86 12.17
C SER A 157 12.59 2.60 11.78
N GLY A 158 12.12 1.91 10.75
CA GLY A 158 12.82 0.76 10.21
C GLY A 158 12.51 -0.57 10.86
N THR A 159 11.77 -0.56 11.97
CA THR A 159 11.43 -1.79 12.67
C THR A 159 10.03 -2.27 12.28
N LEU A 160 9.89 -3.55 11.97
CA LEU A 160 8.59 -4.13 11.64
C LEU A 160 7.65 -4.10 12.86
N TYR A 161 6.52 -3.39 12.73
CA TYR A 161 5.52 -3.35 13.79
C TYR A 161 4.19 -4.00 13.42
N TRP A 162 4.02 -4.39 12.16
CA TRP A 162 2.78 -5.04 11.76
C TRP A 162 3.03 -5.89 10.54
N GLY A 163 2.47 -7.10 10.53
CA GLY A 163 2.38 -7.82 9.29
C GLY A 163 3.43 -8.89 9.12
N ILE A 164 3.26 -9.66 8.06
CA ILE A 164 4.11 -10.78 7.73
C ILE A 164 4.73 -10.54 6.37
N GLU A 165 6.05 -10.49 6.32
CA GLU A 165 6.77 -10.31 5.06
C GLU A 165 6.56 -11.51 4.15
N PRO A 166 6.61 -11.30 2.82
CA PRO A 166 6.45 -12.40 1.86
C PRO A 166 7.68 -13.28 1.84
#